data_2HXU
#
_entry.id   2HXU
#
_cell.length_a   159.154
_cell.length_b   159.154
_cell.length_c   101.961
_cell.angle_alpha   90.00
_cell.angle_beta   90.00
_cell.angle_gamma   120.00
#
_symmetry.space_group_name_H-M   'P 6 2 2'
#
loop_
_entity.id
_entity.type
_entity.pdbx_description
1 polymer 'L-fuconate dehydratase'
2 non-polymer 'MAGNESIUM ION'
3 non-polymer 'SULFATE ION'
4 non-polymer '6-deoxy-L-galactonic acid'
5 water water
#
_entity_poly.entity_id   1
_entity_poly.type   'polypeptide(L)'
_entity_poly.pdbx_seq_one_letter_code
;MRTIIALETHDVRFPTSRELDGSDAMNPDPDYSAAYVVLRTDGAEDLAGYGLVFTIGRGNDVQTAAVAALAEHVVGLSVD
KVIADLGAFARRLTNDSQLRWLGPEKGVMHMAIGAVINAAWDLAARAANKPLWRFIAELTPEQLVDTIDFRYLSDALTRD
EALAILRDAQPQRAARTATLIEQGYPAYTTSPGWLGYSDEKLVRLAKEAVADGFRTIKLAVGANVQDDIRRCRLARAAIG
PDIAMAVDANQRWDVGPAIDWMRQLAEFDIAWIEEPTSPDDVLGHAAIRQGITPVPVSTGEHTQNRVVFKQLLQAGAVDL
IQIDAARVGGVNENLAILLLAAKFGVRVFPHAGGVGLCELVQHLAMADFVAITGKMEDRAIEFVDHLHQHFLDPVRIQHG
RYLAPEVPGFSAEMHPASIAEFSYPDGRFWVEDLAASKAKA
;
_entity_poly.pdbx_strand_id   A
#
# COMPACT_ATOMS: atom_id res chain seq x y z
N ARG A 2 -15.93 -26.88 -3.10
CA ARG A 2 -14.44 -26.88 -3.04
C ARG A 2 -13.95 -26.51 -1.64
N THR A 3 -12.73 -26.93 -1.32
CA THR A 3 -12.14 -26.67 -0.02
C THR A 3 -10.73 -26.11 -0.13
N ILE A 4 -10.32 -25.34 0.87
CA ILE A 4 -8.95 -24.80 0.88
C ILE A 4 -8.14 -25.99 1.39
N ILE A 5 -7.27 -26.52 0.53
CA ILE A 5 -6.48 -27.70 0.91
C ILE A 5 -5.06 -27.42 1.38
N ALA A 6 -4.58 -26.19 1.22
CA ALA A 6 -3.24 -25.86 1.67
C ALA A 6 -2.98 -24.37 1.68
N LEU A 7 -2.04 -23.98 2.55
CA LEU A 7 -1.61 -22.59 2.66
C LEU A 7 -0.13 -22.67 2.39
N GLU A 8 0.27 -22.31 1.16
CA GLU A 8 1.66 -22.38 0.75
C GLU A 8 2.36 -21.05 0.91
N THR A 9 3.58 -21.09 1.44
CA THR A 9 4.35 -19.87 1.66
C THR A 9 5.74 -19.93 1.05
N HIS A 10 6.23 -18.78 0.61
CA HIS A 10 7.54 -18.67 0.01
C HIS A 10 8.26 -17.40 0.43
N ASP A 11 9.54 -17.54 0.78
CA ASP A 11 10.40 -16.44 1.19
C ASP A 11 11.10 -15.99 -0.09
N VAL A 12 10.58 -14.95 -0.73
CA VAL A 12 11.14 -14.45 -1.98
C VAL A 12 11.81 -13.09 -1.79
N ARG A 13 13.06 -12.98 -2.19
CA ARG A 13 13.80 -11.72 -2.03
C ARG A 13 14.48 -11.28 -3.32
N PHE A 14 14.34 -10.00 -3.62
CA PHE A 14 14.93 -9.43 -4.84
C PHE A 14 16.10 -8.51 -4.44
N PRO A 15 17.23 -8.66 -5.13
CA PRO A 15 18.46 -7.88 -4.89
C PRO A 15 18.42 -6.42 -5.34
N THR A 16 17.40 -5.68 -4.92
CA THR A 16 17.29 -4.29 -5.30
C THR A 16 18.46 -3.45 -4.77
N SER A 17 19.12 -3.93 -3.73
CA SER A 17 20.24 -3.19 -3.14
C SER A 17 21.45 -3.11 -4.07
N ARG A 18 21.46 -3.95 -5.10
CA ARG A 18 22.57 -3.96 -6.05
C ARG A 18 22.72 -2.59 -6.70
N GLU A 19 21.61 -1.94 -6.98
CA GLU A 19 21.63 -0.61 -7.58
C GLU A 19 21.00 0.42 -6.65
N LEU A 20 20.77 0.01 -5.40
CA LEU A 20 20.18 0.86 -4.39
C LEU A 20 18.77 1.34 -4.73
N ASP A 21 18.03 0.53 -5.49
CA ASP A 21 16.66 0.88 -5.83
C ASP A 21 15.85 0.79 -4.54
N GLY A 22 15.03 1.79 -4.27
CA GLY A 22 14.22 1.80 -3.06
C GLY A 22 14.92 2.41 -1.85
N SER A 23 16.19 2.77 -2.00
CA SER A 23 16.96 3.34 -0.89
C SER A 23 16.47 4.69 -0.38
N ASP A 24 16.55 4.87 0.94
CA ASP A 24 16.13 6.12 1.56
C ASP A 24 16.99 6.41 2.80
N ALA A 25 16.67 7.49 3.52
CA ALA A 25 17.44 7.88 4.70
C ALA A 25 17.43 6.88 5.85
N MET A 26 16.32 6.17 6.02
CA MET A 26 16.18 5.19 7.09
C MET A 26 16.64 3.80 6.65
N ASN A 27 16.25 3.42 5.44
CA ASN A 27 16.58 2.12 4.86
C ASN A 27 17.50 2.38 3.68
N PRO A 28 18.82 2.38 3.92
CA PRO A 28 19.82 2.65 2.88
C PRO A 28 20.09 1.58 1.83
N ASP A 29 19.68 0.34 2.08
CA ASP A 29 19.95 -0.72 1.12
C ASP A 29 18.91 -1.83 1.15
N PRO A 30 17.63 -1.48 0.98
CA PRO A 30 16.58 -2.49 1.00
C PRO A 30 16.65 -3.50 -0.14
N ASP A 31 16.25 -4.72 0.16
CA ASP A 31 16.18 -5.79 -0.82
C ASP A 31 14.68 -6.12 -0.82
N TYR A 32 13.95 -5.49 -1.75
CA TYR A 32 12.51 -5.70 -1.86
C TYR A 32 12.18 -7.18 -1.80
N SER A 33 11.39 -7.56 -0.80
CA SER A 33 11.03 -8.96 -0.61
C SER A 33 9.54 -9.19 -0.41
N ALA A 34 9.12 -10.41 -0.68
CA ALA A 34 7.72 -10.77 -0.52
C ALA A 34 7.59 -12.07 0.26
N ALA A 35 6.77 -12.04 1.31
CA ALA A 35 6.46 -13.24 2.09
C ALA A 35 5.20 -13.62 1.34
N TYR A 36 5.41 -14.42 0.29
CA TYR A 36 4.37 -14.87 -0.63
C TYR A 36 3.51 -16.02 -0.12
N VAL A 37 2.20 -15.89 -0.29
CA VAL A 37 1.28 -16.93 0.18
C VAL A 37 0.25 -17.32 -0.87
N VAL A 38 -0.09 -18.62 -0.88
CA VAL A 38 -1.07 -19.13 -1.81
C VAL A 38 -2.12 -19.97 -1.07
N LEU A 39 -3.38 -19.62 -1.26
CA LEU A 39 -4.48 -20.37 -0.67
C LEU A 39 -4.87 -21.32 -1.79
N ARG A 40 -4.47 -22.58 -1.66
CA ARG A 40 -4.76 -23.58 -2.69
C ARG A 40 -6.06 -24.33 -2.41
N THR A 41 -6.81 -24.63 -3.45
CA THR A 41 -8.08 -25.35 -3.31
C THR A 41 -8.07 -26.59 -4.20
N ASP A 42 -9.11 -27.41 -4.06
CA ASP A 42 -9.21 -28.61 -4.87
C ASP A 42 -10.12 -28.37 -6.08
N GLY A 43 -10.22 -27.10 -6.47
CA GLY A 43 -11.04 -26.74 -7.62
C GLY A 43 -10.13 -26.50 -8.81
N ALA A 44 -10.55 -25.63 -9.73
CA ALA A 44 -9.76 -25.33 -10.92
C ALA A 44 -8.45 -24.64 -10.52
N GLU A 45 -7.45 -24.73 -11.39
CA GLU A 45 -6.15 -24.11 -11.13
C GLU A 45 -6.33 -22.60 -10.94
N ASP A 46 -7.36 -22.06 -11.56
CA ASP A 46 -7.66 -20.64 -11.47
C ASP A 46 -8.24 -20.29 -10.10
N LEU A 47 -8.84 -21.28 -9.45
CA LEU A 47 -9.44 -21.08 -8.13
C LEU A 47 -8.40 -21.18 -7.02
N ALA A 48 -7.73 -20.07 -6.77
CA ALA A 48 -6.71 -20.00 -5.73
C ALA A 48 -6.61 -18.55 -5.30
N GLY A 49 -6.07 -18.34 -4.11
CA GLY A 49 -5.92 -16.98 -3.60
C GLY A 49 -4.45 -16.67 -3.42
N TYR A 50 -4.03 -15.50 -3.88
CA TYR A 50 -2.63 -15.11 -3.74
C TYR A 50 -2.49 -13.83 -2.93
N GLY A 51 -1.40 -13.73 -2.20
CA GLY A 51 -1.15 -12.55 -1.39
C GLY A 51 0.31 -12.48 -1.02
N LEU A 52 0.73 -11.39 -0.38
CA LEU A 52 2.11 -11.26 0.02
C LEU A 52 2.31 -10.13 1.03
N VAL A 53 3.30 -10.30 1.89
CA VAL A 53 3.65 -9.27 2.85
C VAL A 53 4.93 -8.69 2.28
N PHE A 54 5.01 -7.36 2.21
CA PHE A 54 6.21 -6.72 1.68
C PHE A 54 7.22 -6.40 2.79
N THR A 55 8.45 -6.85 2.63
CA THR A 55 9.51 -6.54 3.59
C THR A 55 10.72 -6.12 2.78
N ILE A 56 11.82 -5.76 3.44
CA ILE A 56 12.99 -5.33 2.69
C ILE A 56 14.26 -6.15 2.85
N GLY A 57 14.10 -7.46 3.02
CA GLY A 57 15.25 -8.33 3.15
C GLY A 57 15.28 -9.19 4.40
N ARG A 58 16.23 -8.89 5.29
CA ARG A 58 16.35 -9.63 6.53
C ARG A 58 15.00 -9.58 7.24
N GLY A 59 14.61 -10.70 7.84
CA GLY A 59 13.35 -10.77 8.53
C GLY A 59 12.24 -11.35 7.68
N ASN A 60 12.44 -11.41 6.37
CA ASN A 60 11.40 -11.97 5.51
C ASN A 60 11.12 -13.43 5.84
N ASP A 61 12.13 -14.14 6.35
CA ASP A 61 11.94 -15.54 6.71
C ASP A 61 11.01 -15.63 7.92
N VAL A 62 11.16 -14.68 8.84
CA VAL A 62 10.32 -14.63 10.03
C VAL A 62 8.88 -14.31 9.62
N GLN A 63 8.76 -13.33 8.72
CA GLN A 63 7.45 -12.92 8.22
C GLN A 63 6.76 -14.09 7.50
N THR A 64 7.54 -14.84 6.73
CA THR A 64 6.99 -15.99 6.01
C THR A 64 6.53 -17.05 7.01
N ALA A 65 7.34 -17.25 8.06
CA ALA A 65 7.01 -18.23 9.09
C ALA A 65 5.72 -17.84 9.79
N ALA A 66 5.50 -16.54 9.97
CA ALA A 66 4.29 -16.06 10.63
C ALA A 66 3.07 -16.40 9.77
N VAL A 67 3.20 -16.28 8.46
CA VAL A 67 2.08 -16.61 7.57
C VAL A 67 1.82 -18.11 7.59
N ALA A 68 2.89 -18.91 7.52
CA ALA A 68 2.78 -20.36 7.53
C ALA A 68 2.08 -20.86 8.79
N ALA A 69 2.25 -20.15 9.89
CA ALA A 69 1.65 -20.53 11.16
C ALA A 69 0.13 -20.40 11.16
N LEU A 70 -0.43 -19.82 10.12
CA LEU A 70 -1.88 -19.65 10.02
C LEU A 70 -2.57 -20.79 9.27
N ALA A 71 -1.79 -21.75 8.78
CA ALA A 71 -2.35 -22.88 8.04
C ALA A 71 -3.49 -23.61 8.74
N GLU A 72 -3.31 -23.94 10.01
CA GLU A 72 -4.35 -24.66 10.75
C GLU A 72 -5.65 -23.86 10.88
N HIS A 73 -5.56 -22.55 10.73
CA HIS A 73 -6.74 -21.69 10.83
C HIS A 73 -7.58 -21.70 9.55
N VAL A 74 -6.95 -22.03 8.43
CA VAL A 74 -7.64 -21.98 7.15
C VAL A 74 -7.81 -23.29 6.36
N VAL A 75 -6.81 -24.17 6.45
CA VAL A 75 -6.89 -25.44 5.72
C VAL A 75 -8.10 -26.26 6.16
N GLY A 76 -8.92 -26.65 5.19
CA GLY A 76 -10.11 -27.44 5.48
C GLY A 76 -11.39 -26.63 5.35
N LEU A 77 -11.27 -25.31 5.30
CA LEU A 77 -12.45 -24.45 5.18
C LEU A 77 -13.08 -24.54 3.79
N SER A 78 -14.40 -24.39 3.76
CA SER A 78 -15.14 -24.41 2.51
C SER A 78 -14.91 -23.10 1.76
N VAL A 79 -14.56 -23.20 0.48
CA VAL A 79 -14.33 -22.00 -0.33
C VAL A 79 -15.58 -21.12 -0.35
N ASP A 80 -16.74 -21.74 -0.56
CA ASP A 80 -18.00 -20.99 -0.61
C ASP A 80 -18.26 -20.25 0.70
N LYS A 81 -17.96 -20.90 1.82
CA LYS A 81 -18.17 -20.30 3.13
C LYS A 81 -17.26 -19.10 3.36
N VAL A 82 -16.01 -19.23 2.92
CA VAL A 82 -15.04 -18.16 3.08
C VAL A 82 -15.40 -16.92 2.26
N ILE A 83 -15.60 -17.10 0.95
CA ILE A 83 -15.91 -15.98 0.08
C ILE A 83 -17.28 -15.35 0.31
N ALA A 84 -18.19 -16.10 0.92
CA ALA A 84 -19.54 -15.58 1.19
C ALA A 84 -19.59 -14.72 2.45
N ASP A 85 -18.52 -14.75 3.25
CA ASP A 85 -18.47 -13.96 4.47
C ASP A 85 -17.01 -13.65 4.83
N LEU A 86 -16.43 -12.71 4.09
CA LEU A 86 -15.05 -12.32 4.31
C LEU A 86 -14.84 -11.62 5.65
N GLY A 87 -15.93 -11.12 6.22
CA GLY A 87 -15.83 -10.48 7.52
C GLY A 87 -15.59 -11.55 8.56
N ALA A 88 -16.35 -12.63 8.49
CA ALA A 88 -16.19 -13.75 9.42
C ALA A 88 -14.82 -14.39 9.25
N PHE A 89 -14.35 -14.48 8.01
CA PHE A 89 -13.04 -15.07 7.75
C PHE A 89 -11.95 -14.24 8.40
N ALA A 90 -12.02 -12.93 8.22
CA ALA A 90 -11.02 -12.04 8.81
C ALA A 90 -11.03 -12.15 10.34
N ARG A 91 -12.23 -12.15 10.92
CA ARG A 91 -12.38 -12.23 12.38
C ARG A 91 -11.85 -13.54 12.96
N ARG A 92 -11.95 -14.61 12.18
CA ARG A 92 -11.47 -15.91 12.61
C ARG A 92 -9.99 -15.79 12.97
N LEU A 93 -9.31 -14.89 12.26
CA LEU A 93 -7.89 -14.68 12.48
C LEU A 93 -7.61 -13.53 13.45
N THR A 94 -8.27 -12.39 13.24
CA THR A 94 -8.04 -11.24 14.10
C THR A 94 -8.57 -11.40 15.52
N ASN A 95 -9.60 -12.24 15.69
CA ASN A 95 -10.17 -12.46 17.02
C ASN A 95 -9.55 -13.63 17.78
N ASP A 96 -8.47 -14.21 17.25
CA ASP A 96 -7.79 -15.30 17.95
C ASP A 96 -6.99 -14.55 19.01
N SER A 97 -7.46 -14.56 20.25
CA SER A 97 -6.79 -13.83 21.32
C SER A 97 -5.31 -14.16 21.50
N GLN A 98 -4.93 -15.41 21.24
CA GLN A 98 -3.53 -15.78 21.41
C GLN A 98 -2.66 -15.13 20.34
N LEU A 99 -3.18 -15.02 19.12
CA LEU A 99 -2.42 -14.35 18.07
C LEU A 99 -2.42 -12.85 18.35
N ARG A 100 -3.51 -12.34 18.96
CA ARG A 100 -3.59 -10.92 19.27
C ARG A 100 -2.47 -10.51 20.23
N TRP A 101 -2.09 -11.42 21.14
CA TRP A 101 -1.06 -11.10 22.10
C TRP A 101 0.27 -10.74 21.42
N LEU A 102 0.52 -11.31 20.25
CA LEU A 102 1.75 -11.04 19.51
C LEU A 102 1.71 -9.66 18.86
N GLY A 103 0.54 -9.03 18.91
CA GLY A 103 0.36 -7.70 18.36
C GLY A 103 0.01 -6.75 19.48
N PRO A 104 -1.28 -6.38 19.63
CA PRO A 104 -2.41 -6.80 18.80
C PRO A 104 -2.54 -5.91 17.57
N GLU A 105 -2.96 -6.50 16.45
CA GLU A 105 -3.15 -5.75 15.21
C GLU A 105 -1.98 -4.82 14.86
N LYS A 106 -0.78 -5.37 14.88
CA LYS A 106 0.42 -4.62 14.55
C LYS A 106 1.57 -5.59 14.34
N GLY A 107 2.59 -5.15 13.62
CA GLY A 107 3.77 -5.97 13.39
C GLY A 107 3.62 -7.22 12.53
N VAL A 108 4.61 -8.10 12.66
CA VAL A 108 4.69 -9.34 11.91
C VAL A 108 3.42 -10.19 11.92
N MET A 109 2.84 -10.44 13.10
CA MET A 109 1.66 -11.29 13.14
C MET A 109 0.45 -10.69 12.43
N HIS A 110 0.26 -9.38 12.55
CA HIS A 110 -0.88 -8.76 11.91
C HIS A 110 -0.72 -8.70 10.39
N MET A 111 0.50 -8.44 9.93
CA MET A 111 0.72 -8.40 8.48
C MET A 111 0.53 -9.79 7.91
N ALA A 112 0.91 -10.82 8.66
CA ALA A 112 0.75 -12.20 8.20
C ALA A 112 -0.75 -12.45 8.03
N ILE A 113 -1.52 -12.05 9.04
CA ILE A 113 -2.96 -12.21 9.00
C ILE A 113 -3.53 -11.42 7.81
N GLY A 114 -3.02 -10.22 7.60
CA GLY A 114 -3.47 -9.39 6.50
C GLY A 114 -3.22 -10.02 5.14
N ALA A 115 -2.10 -10.73 5.00
CA ALA A 115 -1.78 -11.38 3.73
C ALA A 115 -2.74 -12.54 3.44
N VAL A 116 -3.11 -13.28 4.47
CA VAL A 116 -4.04 -14.40 4.28
C VAL A 116 -5.42 -13.84 3.98
N ILE A 117 -5.77 -12.74 4.63
CA ILE A 117 -7.07 -12.10 4.39
C ILE A 117 -7.09 -11.59 2.94
N ASN A 118 -6.00 -10.96 2.50
CA ASN A 118 -5.92 -10.46 1.14
C ASN A 118 -6.02 -11.59 0.12
N ALA A 119 -5.41 -12.73 0.44
CA ALA A 119 -5.47 -13.88 -0.47
C ALA A 119 -6.92 -14.35 -0.59
N ALA A 120 -7.67 -14.27 0.51
CA ALA A 120 -9.06 -14.68 0.52
C ALA A 120 -9.89 -13.75 -0.38
N TRP A 121 -9.57 -12.45 -0.36
CA TRP A 121 -10.30 -11.53 -1.22
C TRP A 121 -9.94 -11.79 -2.69
N ASP A 122 -8.69 -12.19 -2.92
CA ASP A 122 -8.24 -12.49 -4.27
C ASP A 122 -9.05 -13.71 -4.74
N LEU A 123 -9.17 -14.70 -3.86
CA LEU A 123 -9.93 -15.90 -4.15
C LEU A 123 -11.38 -15.56 -4.46
N ALA A 124 -11.96 -14.67 -3.64
CA ALA A 124 -13.35 -14.25 -3.83
C ALA A 124 -13.55 -13.54 -5.16
N ALA A 125 -12.65 -12.61 -5.48
CA ALA A 125 -12.76 -11.85 -6.73
C ALA A 125 -12.63 -12.78 -7.93
N ARG A 126 -11.71 -13.75 -7.83
CA ARG A 126 -11.50 -14.72 -8.89
C ARG A 126 -12.75 -15.58 -9.08
N ALA A 127 -13.36 -16.00 -7.99
CA ALA A 127 -14.57 -16.82 -8.06
C ALA A 127 -15.68 -16.02 -8.73
N ALA A 128 -15.68 -14.70 -8.53
CA ALA A 128 -16.68 -13.82 -9.10
C ALA A 128 -16.32 -13.36 -10.51
N ASN A 129 -15.13 -13.75 -10.98
CA ASN A 129 -14.66 -13.39 -12.31
C ASN A 129 -14.56 -11.87 -12.44
N LYS A 130 -14.02 -11.21 -11.42
CA LYS A 130 -13.89 -9.76 -11.44
C LYS A 130 -12.55 -9.30 -10.88
N PRO A 131 -12.02 -8.17 -11.41
CA PRO A 131 -10.75 -7.70 -10.86
C PRO A 131 -11.18 -7.23 -9.48
N LEU A 132 -10.31 -7.30 -8.47
CA LEU A 132 -10.71 -6.92 -7.12
C LEU A 132 -11.40 -5.57 -6.95
N TRP A 133 -10.93 -4.52 -7.63
CA TRP A 133 -11.59 -3.23 -7.45
C TRP A 133 -13.08 -3.27 -7.78
N ARG A 134 -13.45 -4.01 -8.82
CA ARG A 134 -14.87 -4.12 -9.17
C ARG A 134 -15.61 -5.04 -8.20
N PHE A 135 -14.92 -6.08 -7.73
CA PHE A 135 -15.55 -7.00 -6.78
C PHE A 135 -15.97 -6.20 -5.55
N ILE A 136 -15.06 -5.40 -5.03
CA ILE A 136 -15.32 -4.57 -3.85
C ILE A 136 -16.40 -3.52 -4.13
N ALA A 137 -16.20 -2.74 -5.19
CA ALA A 137 -17.12 -1.67 -5.55
C ALA A 137 -18.52 -2.10 -5.93
N GLU A 138 -18.70 -3.38 -6.25
CA GLU A 138 -20.01 -3.86 -6.64
C GLU A 138 -20.77 -4.61 -5.55
N LEU A 139 -20.14 -4.73 -4.38
CA LEU A 139 -20.79 -5.36 -3.24
C LEU A 139 -21.82 -4.34 -2.75
N THR A 140 -22.89 -4.79 -2.11
CA THR A 140 -23.89 -3.86 -1.60
C THR A 140 -23.33 -3.17 -0.36
N PRO A 141 -23.90 -2.02 0.02
CA PRO A 141 -23.42 -1.33 1.21
C PRO A 141 -23.42 -2.28 2.43
N GLU A 142 -24.49 -3.07 2.54
CA GLU A 142 -24.59 -4.02 3.64
C GLU A 142 -23.46 -5.05 3.62
N GLN A 143 -23.19 -5.60 2.44
CA GLN A 143 -22.12 -6.59 2.31
C GLN A 143 -20.77 -5.99 2.66
N LEU A 144 -20.58 -4.72 2.31
CA LEU A 144 -19.31 -4.07 2.62
C LEU A 144 -19.11 -3.85 4.11
N VAL A 145 -20.08 -3.25 4.79
CA VAL A 145 -19.94 -3.01 6.22
C VAL A 145 -19.83 -4.31 7.02
N ASP A 146 -20.38 -5.40 6.48
CA ASP A 146 -20.30 -6.69 7.16
C ASP A 146 -18.86 -7.20 7.26
N THR A 147 -17.98 -6.68 6.41
CA THR A 147 -16.57 -7.10 6.43
C THR A 147 -15.72 -6.27 7.39
N ILE A 148 -16.25 -5.12 7.81
CA ILE A 148 -15.53 -4.21 8.68
C ILE A 148 -15.58 -4.49 10.18
N ASP A 149 -14.46 -4.26 10.84
CA ASP A 149 -14.37 -4.44 12.30
C ASP A 149 -14.60 -3.04 12.87
N PHE A 150 -15.78 -2.82 13.44
CA PHE A 150 -16.08 -1.51 14.00
C PHE A 150 -15.61 -1.27 15.42
N ARG A 151 -14.95 -2.26 16.01
CA ARG A 151 -14.45 -2.08 17.37
C ARG A 151 -13.41 -0.96 17.38
N TYR A 152 -13.44 -0.16 18.44
CA TYR A 152 -12.55 0.98 18.65
C TYR A 152 -12.81 2.14 17.70
N LEU A 153 -13.92 2.10 16.97
CA LEU A 153 -14.24 3.17 16.04
C LEU A 153 -15.60 3.84 16.28
N SER A 154 -16.32 3.36 17.28
CA SER A 154 -17.66 3.87 17.60
C SER A 154 -17.69 5.38 17.81
N ASP A 155 -16.56 5.95 18.22
CA ASP A 155 -16.46 7.38 18.47
C ASP A 155 -16.19 8.20 17.20
N ALA A 156 -15.91 7.54 16.08
CA ALA A 156 -15.61 8.23 14.84
C ALA A 156 -16.33 7.71 13.60
N LEU A 157 -16.62 6.41 13.57
CA LEU A 157 -17.32 5.81 12.43
C LEU A 157 -18.14 4.61 12.85
N THR A 158 -19.46 4.77 12.92
CA THR A 158 -20.32 3.65 13.31
C THR A 158 -20.77 2.93 12.04
N ARG A 159 -21.36 1.75 12.22
CA ARG A 159 -21.84 0.97 11.08
C ARG A 159 -22.86 1.78 10.28
N ASP A 160 -23.77 2.44 10.98
CA ASP A 160 -24.79 3.26 10.32
C ASP A 160 -24.17 4.42 9.53
N GLU A 161 -23.12 5.00 10.08
CA GLU A 161 -22.45 6.12 9.41
C GLU A 161 -21.74 5.63 8.16
N ALA A 162 -21.15 4.43 8.23
CA ALA A 162 -20.46 3.86 7.09
C ALA A 162 -21.48 3.53 6.00
N LEU A 163 -22.62 2.97 6.41
CA LEU A 163 -23.67 2.64 5.46
C LEU A 163 -24.17 3.87 4.73
N ALA A 164 -24.32 4.97 5.45
CA ALA A 164 -24.78 6.22 4.85
C ALA A 164 -23.86 6.70 3.75
N ILE A 165 -22.56 6.64 4.01
CA ILE A 165 -21.56 7.07 3.02
C ILE A 165 -21.61 6.17 1.79
N LEU A 166 -21.73 4.87 2.00
CA LEU A 166 -21.77 3.91 0.90
C LEU A 166 -23.06 4.03 0.10
N ARG A 167 -24.18 4.26 0.79
CA ARG A 167 -25.47 4.40 0.13
C ARG A 167 -25.52 5.69 -0.67
N ASP A 168 -24.90 6.74 -0.16
CA ASP A 168 -24.89 8.03 -0.85
C ASP A 168 -24.15 7.91 -2.18
N ALA A 169 -23.21 6.98 -2.27
CA ALA A 169 -22.43 6.79 -3.48
C ALA A 169 -23.04 5.84 -4.52
N GLN A 170 -24.00 5.02 -4.10
CA GLN A 170 -24.61 4.06 -5.01
C GLN A 170 -25.09 4.57 -6.38
N PRO A 171 -25.86 5.67 -6.39
CA PRO A 171 -26.36 6.23 -7.65
C PRO A 171 -25.31 6.46 -8.73
N GLN A 172 -24.10 6.87 -8.32
CA GLN A 172 -23.03 7.16 -9.26
C GLN A 172 -21.97 6.07 -9.47
N ARG A 173 -22.15 4.93 -8.81
CA ARG A 173 -21.19 3.83 -8.95
C ARG A 173 -20.90 3.45 -10.39
N ALA A 174 -21.96 3.19 -11.15
CA ALA A 174 -21.81 2.78 -12.54
C ALA A 174 -21.11 3.83 -13.40
N ALA A 175 -21.53 5.08 -13.28
CA ALA A 175 -20.94 6.16 -14.06
C ALA A 175 -19.46 6.34 -13.74
N ARG A 176 -19.11 6.23 -12.46
CA ARG A 176 -17.71 6.36 -12.07
C ARG A 176 -16.87 5.19 -12.55
N THR A 177 -17.48 4.02 -12.62
CA THR A 177 -16.77 2.83 -13.10
C THR A 177 -16.38 3.11 -14.56
N ALA A 178 -17.31 3.69 -15.32
CA ALA A 178 -17.07 4.01 -16.71
C ALA A 178 -15.95 5.05 -16.84
N THR A 179 -16.00 6.07 -15.98
CA THR A 179 -14.99 7.12 -16.00
C THR A 179 -13.60 6.55 -15.72
N LEU A 180 -13.51 5.66 -14.73
CA LEU A 180 -12.23 5.05 -14.36
C LEU A 180 -11.68 4.24 -15.52
N ILE A 181 -12.53 3.41 -16.11
CA ILE A 181 -12.11 2.56 -17.22
C ILE A 181 -11.64 3.36 -18.43
N GLU A 182 -12.27 4.49 -18.69
CA GLU A 182 -11.87 5.29 -19.85
C GLU A 182 -10.71 6.26 -19.58
N GLN A 183 -10.60 6.77 -18.35
CA GLN A 183 -9.58 7.74 -18.04
C GLN A 183 -8.36 7.29 -17.23
N GLY A 184 -8.49 6.21 -16.48
CA GLY A 184 -7.37 5.77 -15.67
C GLY A 184 -7.40 6.56 -14.36
N TYR A 185 -6.43 6.29 -13.49
CA TYR A 185 -6.34 6.94 -12.18
C TYR A 185 -4.97 7.62 -12.06
N PRO A 186 -4.94 8.89 -11.62
CA PRO A 186 -3.67 9.61 -11.47
C PRO A 186 -2.62 8.86 -10.66
N ALA A 187 -1.37 8.98 -11.09
CA ALA A 187 -0.26 8.34 -10.40
C ALA A 187 0.89 9.33 -10.23
N TYR A 188 1.84 8.97 -9.39
CA TYR A 188 3.03 9.79 -9.20
C TYR A 188 4.15 8.77 -9.03
N THR A 189 5.38 9.14 -9.34
CA THR A 189 6.46 8.18 -9.22
C THR A 189 7.57 8.60 -8.26
N THR A 190 8.09 7.61 -7.53
CA THR A 190 9.14 7.81 -6.55
C THR A 190 10.48 7.25 -7.03
N SER A 191 10.43 6.47 -8.10
CA SER A 191 11.64 5.84 -8.65
C SER A 191 12.79 6.76 -8.98
N PRO A 192 12.51 8.04 -9.29
CA PRO A 192 13.64 8.91 -9.61
C PRO A 192 14.36 9.42 -8.35
N GLY A 193 13.67 9.36 -7.22
CA GLY A 193 14.23 9.91 -5.99
C GLY A 193 14.93 9.10 -4.92
N TRP A 194 15.26 7.84 -5.18
CA TRP A 194 15.92 7.04 -4.16
C TRP A 194 17.21 7.74 -3.71
N LEU A 195 17.44 7.78 -2.41
CA LEU A 195 18.58 8.49 -1.85
C LEU A 195 19.97 7.98 -2.24
N GLY A 196 20.08 6.71 -2.62
CA GLY A 196 21.37 6.17 -2.99
C GLY A 196 21.85 6.56 -4.37
N TYR A 197 20.98 7.16 -5.18
CA TYR A 197 21.33 7.56 -6.53
C TYR A 197 22.21 8.80 -6.57
N SER A 198 23.01 8.92 -7.62
CA SER A 198 23.88 10.08 -7.79
C SER A 198 23.01 11.25 -8.24
N ASP A 199 23.53 12.46 -8.13
CA ASP A 199 22.78 13.65 -8.56
C ASP A 199 22.44 13.53 -10.05
N GLU A 200 23.39 13.01 -10.82
CA GLU A 200 23.19 12.85 -12.26
C GLU A 200 22.03 11.91 -12.57
N LYS A 201 21.95 10.81 -11.83
CA LYS A 201 20.87 9.84 -12.03
C LYS A 201 19.52 10.43 -11.62
N LEU A 202 19.53 11.16 -10.50
CA LEU A 202 18.31 11.79 -10.00
C LEU A 202 17.71 12.69 -11.08
N VAL A 203 18.54 13.57 -11.64
CA VAL A 203 18.09 14.49 -12.67
C VAL A 203 17.60 13.77 -13.93
N ARG A 204 18.39 12.82 -14.39
CA ARG A 204 18.05 12.03 -15.58
C ARG A 204 16.70 11.35 -15.42
N LEU A 205 16.50 10.68 -14.28
CA LEU A 205 15.25 9.98 -14.03
C LEU A 205 14.06 10.91 -13.80
N ALA A 206 14.30 12.06 -13.17
CA ALA A 206 13.23 13.01 -12.91
C ALA A 206 12.70 13.52 -14.25
N LYS A 207 13.62 13.78 -15.18
CA LYS A 207 13.22 14.25 -16.51
C LYS A 207 12.45 13.16 -17.25
N GLU A 208 12.92 11.92 -17.15
CA GLU A 208 12.24 10.81 -17.82
C GLU A 208 10.85 10.63 -17.22
N ALA A 209 10.73 10.81 -15.91
CA ALA A 209 9.45 10.67 -15.23
C ALA A 209 8.44 11.67 -15.79
N VAL A 210 8.84 12.92 -15.90
CA VAL A 210 7.95 13.95 -16.43
C VAL A 210 7.64 13.65 -17.90
N ALA A 211 8.67 13.20 -18.62
CA ALA A 211 8.49 12.87 -20.04
C ALA A 211 7.47 11.75 -20.17
N ASP A 212 7.44 10.83 -19.22
CA ASP A 212 6.48 9.72 -19.25
C ASP A 212 5.07 10.11 -18.87
N GLY A 213 4.87 11.37 -18.49
CA GLY A 213 3.53 11.82 -18.14
C GLY A 213 3.20 11.99 -16.67
N PHE A 214 4.12 11.64 -15.78
CA PHE A 214 3.84 11.81 -14.36
C PHE A 214 3.82 13.29 -14.05
N ARG A 215 2.78 13.73 -13.34
CA ARG A 215 2.63 15.14 -12.99
C ARG A 215 3.16 15.41 -11.58
N THR A 216 3.65 14.37 -10.93
CA THR A 216 4.20 14.46 -9.58
C THR A 216 5.31 13.43 -9.38
N ILE A 217 6.37 13.83 -8.70
CA ILE A 217 7.46 12.91 -8.38
C ILE A 217 7.76 13.07 -6.90
N LYS A 218 8.50 12.11 -6.33
CA LYS A 218 8.84 12.18 -4.91
C LYS A 218 10.30 11.83 -4.70
N LEU A 219 10.96 12.58 -3.82
CA LEU A 219 12.37 12.37 -3.50
C LEU A 219 12.56 11.97 -2.04
N ALA A 220 13.49 11.05 -1.80
CA ALA A 220 13.78 10.65 -0.44
C ALA A 220 14.68 11.74 0.13
N VAL A 221 14.48 12.08 1.41
CA VAL A 221 15.28 13.09 2.09
C VAL A 221 15.45 12.64 3.54
N GLY A 222 16.19 13.41 4.33
CA GLY A 222 16.32 13.08 5.75
C GLY A 222 17.64 12.69 6.36
N ALA A 223 18.67 12.42 5.56
CA ALA A 223 19.96 12.02 6.11
C ALA A 223 20.90 13.20 6.33
N ASN A 224 20.91 14.13 5.38
CA ASN A 224 21.80 15.29 5.43
C ASN A 224 21.08 16.47 4.78
N VAL A 225 20.83 17.53 5.55
CA VAL A 225 20.11 18.68 5.03
C VAL A 225 20.76 19.35 3.82
N GLN A 226 22.10 19.39 3.78
CA GLN A 226 22.78 20.00 2.64
C GLN A 226 22.52 19.17 1.38
N ASP A 227 22.52 17.85 1.53
CA ASP A 227 22.25 16.96 0.40
C ASP A 227 20.82 17.17 -0.08
N ASP A 228 19.89 17.28 0.86
CA ASP A 228 18.48 17.47 0.52
C ASP A 228 18.26 18.78 -0.22
N ILE A 229 18.88 19.85 0.26
CA ILE A 229 18.75 21.15 -0.38
C ILE A 229 19.29 21.07 -1.81
N ARG A 230 20.46 20.45 -1.97
CA ARG A 230 21.08 20.31 -3.28
C ARG A 230 20.20 19.50 -4.23
N ARG A 231 19.75 18.33 -3.77
CA ARG A 231 18.92 17.45 -4.58
C ARG A 231 17.55 18.06 -4.94
N CYS A 232 16.92 18.73 -3.97
CA CYS A 232 15.62 19.34 -4.24
C CYS A 232 15.76 20.47 -5.26
N ARG A 233 16.86 21.22 -5.17
CA ARG A 233 17.07 22.31 -6.11
C ARG A 233 17.25 21.74 -7.51
N LEU A 234 18.07 20.70 -7.61
CA LEU A 234 18.35 20.05 -8.90
C LEU A 234 17.10 19.43 -9.52
N ALA A 235 16.32 18.73 -8.71
CA ALA A 235 15.10 18.10 -9.20
C ALA A 235 14.08 19.15 -9.66
N ARG A 236 13.90 20.19 -8.86
CA ARG A 236 12.97 21.25 -9.21
C ARG A 236 13.36 21.89 -10.53
N ALA A 237 14.65 22.12 -10.73
CA ALA A 237 15.14 22.72 -11.96
C ALA A 237 14.94 21.78 -13.14
N ALA A 238 15.07 20.49 -12.89
CA ALA A 238 14.91 19.49 -13.95
C ALA A 238 13.47 19.29 -14.40
N ILE A 239 12.52 19.37 -13.49
CA ILE A 239 11.11 19.16 -13.83
C ILE A 239 10.34 20.42 -14.16
N GLY A 240 10.85 21.57 -13.78
CA GLY A 240 10.14 22.81 -14.07
C GLY A 240 9.25 23.19 -12.91
N PRO A 241 8.61 24.37 -12.96
CA PRO A 241 7.73 24.86 -11.90
C PRO A 241 6.33 24.26 -11.78
N ASP A 242 5.87 23.59 -12.83
CA ASP A 242 4.51 23.04 -12.83
C ASP A 242 4.32 21.60 -12.36
N ILE A 243 5.42 20.87 -12.15
CA ILE A 243 5.33 19.49 -11.71
C ILE A 243 5.40 19.46 -10.18
N ALA A 244 4.55 18.65 -9.55
CA ALA A 244 4.54 18.55 -8.10
C ALA A 244 5.74 17.72 -7.62
N MET A 245 6.34 18.12 -6.51
CA MET A 245 7.49 17.41 -5.97
C MET A 245 7.33 17.18 -4.48
N ALA A 246 7.14 15.92 -4.10
CA ALA A 246 6.98 15.55 -2.70
C ALA A 246 8.33 15.06 -2.18
N VAL A 247 8.47 15.03 -0.86
CA VAL A 247 9.70 14.53 -0.24
C VAL A 247 9.30 13.52 0.83
N ASP A 248 10.18 12.56 1.08
CA ASP A 248 9.90 11.49 2.03
C ASP A 248 11.08 11.34 3.00
N ALA A 249 10.84 11.59 4.29
CA ALA A 249 11.90 11.49 5.29
C ALA A 249 11.98 10.11 5.94
N ASN A 250 11.03 9.25 5.61
CA ASN A 250 11.00 7.90 6.14
C ASN A 250 11.22 7.78 7.66
N GLN A 251 10.53 8.65 8.41
CA GLN A 251 10.55 8.64 9.88
C GLN A 251 11.84 9.11 10.58
N ARG A 252 12.76 9.71 9.84
CA ARG A 252 14.05 10.11 10.44
C ARG A 252 14.10 11.17 11.53
N TRP A 253 13.22 12.16 11.45
CA TRP A 253 13.28 13.28 12.39
C TRP A 253 12.44 13.28 13.67
N ASP A 254 12.86 14.15 14.60
CA ASP A 254 12.13 14.39 15.84
C ASP A 254 11.28 15.60 15.48
N VAL A 255 10.35 15.98 16.35
CA VAL A 255 9.47 17.11 16.06
C VAL A 255 10.17 18.44 15.74
N GLY A 256 11.01 18.91 16.65
CA GLY A 256 11.71 20.16 16.44
C GLY A 256 12.55 20.17 15.17
N PRO A 257 13.44 19.18 15.00
CA PRO A 257 14.30 19.08 13.81
C PRO A 257 13.51 19.01 12.50
N ALA A 258 12.38 18.31 12.51
CA ALA A 258 11.55 18.18 11.31
C ALA A 258 11.08 19.56 10.85
N ILE A 259 10.63 20.38 11.79
CA ILE A 259 10.16 21.71 11.45
C ILE A 259 11.28 22.56 10.86
N ASP A 260 12.45 22.51 11.48
CA ASP A 260 13.61 23.28 11.00
C ASP A 260 14.11 22.78 9.65
N TRP A 261 14.07 21.46 9.46
CA TRP A 261 14.52 20.85 8.22
C TRP A 261 13.62 21.27 7.07
N MET A 262 12.31 21.18 7.28
CA MET A 262 11.37 21.53 6.23
C MET A 262 11.41 23.02 5.89
N ARG A 263 11.81 23.84 6.85
CA ARG A 263 11.90 25.28 6.61
C ARG A 263 12.94 25.53 5.52
N GLN A 264 13.96 24.67 5.48
CA GLN A 264 15.05 24.80 4.52
C GLN A 264 14.73 24.20 3.14
N LEU A 265 13.66 23.42 3.06
CA LEU A 265 13.29 22.80 1.79
C LEU A 265 12.05 23.46 1.17
N ALA A 266 11.32 24.22 1.98
CA ALA A 266 10.09 24.87 1.52
C ALA A 266 10.21 25.71 0.26
N GLU A 267 11.35 26.36 0.05
CA GLU A 267 11.53 27.21 -1.12
C GLU A 267 11.46 26.46 -2.46
N PHE A 268 11.57 25.14 -2.43
CA PHE A 268 11.52 24.37 -3.66
C PHE A 268 10.12 23.90 -4.04
N ASP A 269 9.13 24.42 -3.32
CA ASP A 269 7.72 24.10 -3.55
C ASP A 269 7.45 22.61 -3.30
N ILE A 270 7.24 22.28 -2.04
CA ILE A 270 7.01 20.90 -1.60
C ILE A 270 5.52 20.50 -1.65
N ALA A 271 5.24 19.42 -2.38
CA ALA A 271 3.87 18.91 -2.52
C ALA A 271 3.39 18.39 -1.17
N TRP A 272 4.27 17.70 -0.46
CA TRP A 272 4.00 17.18 0.87
C TRP A 272 5.26 16.52 1.42
N ILE A 273 5.36 16.46 2.74
CA ILE A 273 6.49 15.79 3.39
C ILE A 273 5.88 14.54 4.00
N GLU A 274 6.39 13.40 3.57
CA GLU A 274 5.92 12.09 4.02
C GLU A 274 6.73 11.56 5.20
N GLU A 275 6.01 11.04 6.20
CA GLU A 275 6.64 10.48 7.40
C GLU A 275 7.77 11.30 7.98
N PRO A 276 7.49 12.55 8.38
CA PRO A 276 8.58 13.34 8.95
C PRO A 276 9.11 12.72 10.25
N THR A 277 8.28 11.97 10.95
CA THR A 277 8.72 11.34 12.20
C THR A 277 8.17 9.93 12.40
N SER A 278 8.35 9.37 13.59
CA SER A 278 7.89 8.02 13.92
C SER A 278 6.46 7.76 13.47
N PRO A 279 6.19 6.57 12.90
CA PRO A 279 4.83 6.26 12.45
C PRO A 279 3.83 6.07 13.59
N ASP A 280 4.33 6.09 14.82
CA ASP A 280 3.46 5.93 15.99
C ASP A 280 3.17 7.27 16.66
N ASP A 281 3.87 8.32 16.25
CA ASP A 281 3.69 9.61 16.89
C ASP A 281 2.59 10.47 16.27
N VAL A 282 1.37 10.25 16.73
CA VAL A 282 0.21 10.99 16.25
C VAL A 282 0.32 12.45 16.69
N LEU A 283 0.62 12.67 17.96
CA LEU A 283 0.76 14.02 18.47
C LEU A 283 1.95 14.73 17.82
N GLY A 284 3.01 13.97 17.55
CA GLY A 284 4.20 14.53 16.92
C GLY A 284 3.94 15.03 15.51
N HIS A 285 3.21 14.24 14.72
CA HIS A 285 2.90 14.66 13.36
C HIS A 285 2.04 15.91 13.39
N ALA A 286 1.13 15.99 14.35
CA ALA A 286 0.26 17.16 14.47
C ALA A 286 1.09 18.40 14.82
N ALA A 287 2.08 18.22 15.69
CA ALA A 287 2.93 19.34 16.09
C ALA A 287 3.79 19.81 14.91
N ILE A 288 4.27 18.86 14.12
CA ILE A 288 5.08 19.18 12.95
C ILE A 288 4.21 19.91 11.93
N ARG A 289 3.00 19.38 11.72
CA ARG A 289 2.07 19.97 10.77
C ARG A 289 1.74 21.42 11.17
N GLN A 290 1.50 21.64 12.46
CA GLN A 290 1.20 22.97 12.95
C GLN A 290 2.38 23.91 12.75
N GLY A 291 3.59 23.36 12.85
CA GLY A 291 4.77 24.19 12.69
C GLY A 291 5.16 24.54 11.25
N ILE A 292 4.89 23.64 10.31
CA ILE A 292 5.28 23.90 8.92
C ILE A 292 4.14 24.28 7.98
N THR A 293 2.91 24.34 8.50
CA THR A 293 1.76 24.69 7.65
C THR A 293 2.08 25.99 6.92
N PRO A 294 1.60 26.13 5.66
CA PRO A 294 0.80 25.21 4.85
C PRO A 294 1.50 24.07 4.11
N VAL A 295 2.76 23.77 4.44
CA VAL A 295 3.43 22.65 3.78
C VAL A 295 2.70 21.38 4.24
N PRO A 296 2.10 20.62 3.31
CA PRO A 296 1.35 19.40 3.65
C PRO A 296 2.17 18.28 4.28
N VAL A 297 1.54 17.60 5.23
CA VAL A 297 2.16 16.49 5.94
C VAL A 297 1.37 15.22 5.71
N SER A 298 2.07 14.11 5.47
CA SER A 298 1.41 12.82 5.28
C SER A 298 2.16 11.74 6.05
N THR A 299 1.49 10.61 6.23
CA THR A 299 2.05 9.44 6.88
C THR A 299 1.05 8.33 6.58
N GLY A 300 1.44 7.07 6.77
CA GLY A 300 0.50 6.01 6.52
C GLY A 300 1.00 4.64 6.10
N GLU A 301 2.12 4.56 5.38
CA GLU A 301 2.60 3.26 4.92
C GLU A 301 2.99 2.29 6.02
N HIS A 302 3.28 2.82 7.21
CA HIS A 302 3.64 2.00 8.36
C HIS A 302 2.58 2.09 9.45
N THR A 303 1.50 2.83 9.21
CA THR A 303 0.45 2.97 10.21
C THR A 303 -0.11 1.56 10.43
N GLN A 304 0.05 1.07 11.66
CA GLN A 304 -0.32 -0.30 12.02
C GLN A 304 -1.76 -0.77 11.86
N ASN A 305 -2.74 0.11 12.09
CA ASN A 305 -4.13 -0.29 11.97
C ASN A 305 -5.08 0.89 11.92
N ARG A 306 -6.37 0.61 11.76
CA ARG A 306 -7.39 1.63 11.67
C ARG A 306 -7.55 2.50 12.92
N VAL A 307 -7.13 1.99 14.07
CA VAL A 307 -7.25 2.75 15.32
C VAL A 307 -6.26 3.91 15.33
N VAL A 308 -5.07 3.69 14.78
CA VAL A 308 -4.09 4.75 14.72
C VAL A 308 -4.52 5.75 13.64
N PHE A 309 -5.04 5.26 12.52
CA PHE A 309 -5.52 6.15 11.47
C PHE A 309 -6.64 7.04 12.02
N LYS A 310 -7.52 6.46 12.83
CA LYS A 310 -8.61 7.24 13.41
C LYS A 310 -8.04 8.43 14.17
N GLN A 311 -7.03 8.18 15.00
CA GLN A 311 -6.40 9.23 15.79
C GLN A 311 -5.66 10.27 14.96
N LEU A 312 -5.03 9.83 13.87
CA LEU A 312 -4.33 10.78 13.01
C LEU A 312 -5.35 11.78 12.47
N LEU A 313 -6.54 11.28 12.16
CA LEU A 313 -7.60 12.13 11.63
C LEU A 313 -8.19 13.02 12.73
N GLN A 314 -8.44 12.43 13.89
CA GLN A 314 -8.99 13.16 15.03
C GLN A 314 -8.06 14.28 15.49
N ALA A 315 -6.77 13.98 15.52
CA ALA A 315 -5.78 14.94 15.98
C ALA A 315 -5.35 15.97 14.93
N GLY A 316 -5.83 15.83 13.71
CA GLY A 316 -5.44 16.77 12.66
C GLY A 316 -3.94 16.70 12.44
N ALA A 317 -3.42 15.48 12.40
CA ALA A 317 -1.98 15.27 12.23
C ALA A 317 -1.56 15.19 10.78
N VAL A 318 -2.52 15.13 9.86
CA VAL A 318 -2.21 15.00 8.44
C VAL A 318 -3.07 15.80 7.47
N ASP A 319 -2.50 16.09 6.31
CA ASP A 319 -3.19 16.80 5.25
C ASP A 319 -3.67 15.75 4.25
N LEU A 320 -2.97 14.62 4.24
CA LEU A 320 -3.32 13.50 3.37
C LEU A 320 -2.69 12.26 3.99
N ILE A 321 -3.24 11.08 3.69
CA ILE A 321 -2.66 9.87 4.25
C ILE A 321 -2.33 8.86 3.18
N GLN A 322 -1.40 7.98 3.52
CA GLN A 322 -1.06 6.88 2.63
C GLN A 322 -1.81 5.73 3.26
N ILE A 323 -2.13 4.73 2.45
CA ILE A 323 -2.72 3.51 2.95
C ILE A 323 -1.79 2.49 2.31
N ASP A 324 -1.72 1.30 2.86
CA ASP A 324 -0.86 0.28 2.30
C ASP A 324 -1.63 -1.04 2.29
N ALA A 325 -1.57 -1.74 1.17
CA ALA A 325 -2.30 -2.99 1.04
C ALA A 325 -1.87 -4.12 1.97
N ALA A 326 -0.60 -4.13 2.35
CA ALA A 326 -0.07 -5.21 3.18
C ALA A 326 0.28 -4.90 4.64
N ARG A 327 0.33 -3.62 4.99
CA ARG A 327 0.68 -3.24 6.36
C ARG A 327 -0.39 -3.57 7.40
N VAL A 328 -1.66 -3.44 7.03
CA VAL A 328 -2.76 -3.68 7.95
C VAL A 328 -3.46 -5.03 7.78
N GLY A 329 -4.63 -5.16 8.39
CA GLY A 329 -5.38 -6.41 8.32
C GLY A 329 -6.12 -6.69 7.01
N GLY A 330 -5.41 -6.56 5.90
CA GLY A 330 -6.02 -6.84 4.61
C GLY A 330 -7.10 -5.86 4.16
N VAL A 331 -7.82 -6.25 3.12
CA VAL A 331 -8.88 -5.40 2.57
C VAL A 331 -9.87 -4.89 3.62
N ASN A 332 -10.31 -5.77 4.51
CA ASN A 332 -11.28 -5.39 5.55
C ASN A 332 -10.86 -4.15 6.32
N GLU A 333 -9.59 -4.10 6.72
CA GLU A 333 -9.12 -2.96 7.47
C GLU A 333 -8.95 -1.73 6.59
N ASN A 334 -8.47 -1.91 5.37
CA ASN A 334 -8.31 -0.75 4.49
C ASN A 334 -9.64 -0.10 4.13
N LEU A 335 -10.70 -0.89 4.08
CA LEU A 335 -12.03 -0.34 3.78
C LEU A 335 -12.44 0.58 4.93
N ALA A 336 -12.15 0.16 6.16
CA ALA A 336 -12.47 0.98 7.33
C ALA A 336 -11.68 2.28 7.27
N ILE A 337 -10.41 2.17 6.90
CA ILE A 337 -9.53 3.33 6.82
C ILE A 337 -10.02 4.30 5.73
N LEU A 338 -10.38 3.77 4.58
CA LEU A 338 -10.87 4.61 3.48
C LEU A 338 -12.16 5.33 3.87
N LEU A 339 -13.04 4.63 4.61
CA LEU A 339 -14.28 5.24 5.05
C LEU A 339 -14.00 6.33 6.09
N LEU A 340 -13.04 6.09 6.96
CA LEU A 340 -12.66 7.09 7.95
C LEU A 340 -12.12 8.33 7.26
N ALA A 341 -11.25 8.13 6.26
CA ALA A 341 -10.67 9.24 5.52
C ALA A 341 -11.76 10.01 4.78
N ALA A 342 -12.72 9.30 4.21
CA ALA A 342 -13.80 9.95 3.48
C ALA A 342 -14.67 10.79 4.43
N LYS A 343 -15.02 10.21 5.58
CA LYS A 343 -15.85 10.93 6.55
C LYS A 343 -15.15 12.18 7.08
N PHE A 344 -13.85 12.10 7.29
CA PHE A 344 -13.10 13.25 7.79
C PHE A 344 -12.63 14.20 6.69
N GLY A 345 -12.91 13.83 5.43
CA GLY A 345 -12.53 14.68 4.31
C GLY A 345 -11.04 14.83 4.10
N VAL A 346 -10.32 13.72 4.25
CA VAL A 346 -8.87 13.70 4.06
C VAL A 346 -8.51 12.84 2.85
N ARG A 347 -7.75 13.43 1.93
CA ARG A 347 -7.33 12.73 0.71
C ARG A 347 -6.40 11.56 0.98
N VAL A 348 -6.52 10.52 0.16
CA VAL A 348 -5.69 9.34 0.28
C VAL A 348 -4.79 9.17 -0.94
N PHE A 349 -3.48 9.06 -0.68
CA PHE A 349 -2.47 8.85 -1.72
C PHE A 349 -1.83 7.51 -1.38
N PRO A 350 -2.35 6.42 -1.96
CA PRO A 350 -1.83 5.07 -1.69
C PRO A 350 -0.32 4.89 -1.82
N HIS A 351 0.25 4.14 -0.88
CA HIS A 351 1.67 3.82 -0.88
C HIS A 351 1.86 2.57 -1.73
N ALA A 352 2.94 2.54 -2.51
CA ALA A 352 3.23 1.38 -3.35
C ALA A 352 4.73 1.17 -3.52
N GLY A 353 5.51 1.75 -2.61
CA GLY A 353 6.96 1.62 -2.69
C GLY A 353 7.47 0.29 -2.18
N GLY A 354 7.22 -0.76 -2.96
CA GLY A 354 7.65 -2.10 -2.58
C GLY A 354 7.25 -3.07 -3.66
N VAL A 355 7.82 -4.27 -3.66
CA VAL A 355 7.49 -5.23 -4.70
C VAL A 355 6.03 -5.70 -4.59
N GLY A 356 5.33 -5.63 -5.72
CA GLY A 356 3.94 -6.05 -5.77
C GLY A 356 2.93 -5.08 -5.17
N LEU A 357 3.41 -4.03 -4.51
CA LEU A 357 2.50 -3.07 -3.89
C LEU A 357 1.69 -2.25 -4.90
N CYS A 358 2.26 -1.94 -6.05
CA CYS A 358 1.52 -1.19 -7.07
C CYS A 358 0.37 -2.09 -7.52
N GLU A 359 0.70 -3.34 -7.78
CA GLU A 359 -0.28 -4.33 -8.23
C GLU A 359 -1.44 -4.49 -7.26
N LEU A 360 -1.14 -4.50 -5.97
CA LEU A 360 -2.18 -4.66 -4.96
C LEU A 360 -3.00 -3.40 -4.67
N VAL A 361 -2.29 -2.35 -4.26
CA VAL A 361 -2.95 -1.12 -3.83
C VAL A 361 -3.80 -0.39 -4.88
N GLN A 362 -3.51 -0.58 -6.15
CA GLN A 362 -4.29 0.08 -7.19
C GLN A 362 -5.77 -0.28 -7.04
N HIS A 363 -6.04 -1.52 -6.64
CA HIS A 363 -7.41 -1.99 -6.47
C HIS A 363 -8.17 -1.27 -5.37
N LEU A 364 -7.49 -0.96 -4.27
CA LEU A 364 -8.14 -0.28 -3.16
C LEU A 364 -8.49 1.16 -3.52
N ALA A 365 -7.57 1.83 -4.22
CA ALA A 365 -7.80 3.20 -4.64
C ALA A 365 -8.96 3.27 -5.63
N MET A 366 -9.00 2.33 -6.56
CA MET A 366 -10.06 2.31 -7.56
C MET A 366 -11.43 1.98 -6.96
N ALA A 367 -11.46 1.06 -6.01
CA ALA A 367 -12.72 0.73 -5.35
C ALA A 367 -13.20 1.96 -4.58
N ASP A 368 -12.26 2.69 -3.97
CA ASP A 368 -12.60 3.89 -3.22
C ASP A 368 -13.25 4.93 -4.14
N PHE A 369 -12.65 5.13 -5.31
CA PHE A 369 -13.20 6.11 -6.26
C PHE A 369 -14.63 5.77 -6.62
N VAL A 370 -14.87 4.51 -6.97
CA VAL A 370 -16.20 4.08 -7.37
C VAL A 370 -17.26 4.03 -6.28
N ALA A 371 -16.95 3.36 -5.18
CA ALA A 371 -17.93 3.18 -4.10
C ALA A 371 -17.87 4.06 -2.86
N ILE A 372 -16.82 4.87 -2.72
CA ILE A 372 -16.70 5.68 -1.52
C ILE A 372 -16.66 7.20 -1.70
N THR A 373 -15.61 7.69 -2.36
CA THR A 373 -15.43 9.13 -2.52
C THR A 373 -15.86 9.74 -3.85
N GLY A 374 -15.60 9.05 -4.94
CA GLY A 374 -15.93 9.60 -6.23
C GLY A 374 -14.91 10.69 -6.56
N LYS A 375 -13.76 10.64 -5.91
CA LYS A 375 -12.70 11.64 -6.12
C LYS A 375 -11.36 11.00 -6.44
N MET A 376 -10.76 11.38 -7.56
CA MET A 376 -9.44 10.86 -7.93
C MET A 376 -8.51 11.91 -8.54
N GLU A 377 -9.08 12.93 -9.17
CA GLU A 377 -8.23 13.96 -9.79
C GLU A 377 -7.52 14.84 -8.76
N ASP A 378 -7.95 14.73 -7.50
CA ASP A 378 -7.36 15.50 -6.41
C ASP A 378 -6.31 14.70 -5.65
N ARG A 379 -6.05 13.48 -6.12
CA ARG A 379 -5.08 12.62 -5.45
C ARG A 379 -4.31 11.76 -6.45
N ALA A 380 -3.53 10.81 -5.95
CA ALA A 380 -2.74 9.97 -6.84
C ALA A 380 -2.25 8.70 -6.16
N ILE A 381 -2.02 7.67 -6.97
CA ILE A 381 -1.51 6.39 -6.48
C ILE A 381 -0.01 6.36 -6.74
N GLU A 382 0.75 5.97 -5.73
CA GLU A 382 2.20 5.91 -5.92
C GLU A 382 2.57 4.80 -6.90
N PHE A 383 3.67 5.01 -7.60
CA PHE A 383 4.19 4.04 -8.54
C PHE A 383 5.70 4.01 -8.43
N VAL A 384 6.28 2.82 -8.57
CA VAL A 384 7.72 2.65 -8.56
C VAL A 384 7.95 1.73 -9.75
N ASP A 385 9.00 2.01 -10.50
CA ASP A 385 9.31 1.25 -11.71
C ASP A 385 10.22 0.06 -11.45
N HIS A 386 9.79 -0.82 -10.56
CA HIS A 386 10.60 -2.00 -10.24
C HIS A 386 9.84 -3.31 -10.09
N LEU A 387 10.47 -4.39 -10.53
CA LEU A 387 9.98 -5.75 -10.39
C LEU A 387 8.60 -6.16 -10.91
N HIS A 388 7.98 -5.35 -11.76
CA HIS A 388 6.66 -5.70 -12.27
C HIS A 388 6.66 -6.95 -13.15
N GLN A 389 7.81 -7.26 -13.74
CA GLN A 389 7.94 -8.42 -14.61
C GLN A 389 7.68 -9.74 -13.90
N HIS A 390 7.73 -9.73 -12.58
CA HIS A 390 7.52 -10.95 -11.81
C HIS A 390 6.08 -11.28 -11.49
N PHE A 391 5.16 -10.43 -11.94
CA PHE A 391 3.74 -10.65 -11.70
C PHE A 391 2.99 -10.98 -12.99
N LEU A 392 2.01 -11.89 -12.89
CA LEU A 392 1.23 -12.29 -14.07
C LEU A 392 0.40 -11.14 -14.63
N ASP A 393 -0.04 -10.25 -13.75
CA ASP A 393 -0.86 -9.10 -14.14
C ASP A 393 -0.18 -7.82 -13.67
N PRO A 394 0.93 -7.43 -14.33
CA PRO A 394 1.64 -6.21 -13.92
C PRO A 394 0.80 -4.96 -14.15
N VAL A 395 1.03 -3.94 -13.32
CA VAL A 395 0.27 -2.70 -13.47
C VAL A 395 0.62 -2.10 -14.82
N ARG A 396 -0.30 -1.31 -15.34
CA ARG A 396 -0.10 -0.64 -16.63
C ARG A 396 -0.26 0.85 -16.43
N ILE A 397 0.78 1.60 -16.77
CA ILE A 397 0.75 3.05 -16.65
C ILE A 397 0.70 3.65 -18.03
N GLN A 398 -0.21 4.60 -18.24
CA GLN A 398 -0.34 5.27 -19.52
C GLN A 398 -0.39 6.77 -19.28
N HIS A 399 0.63 7.47 -19.76
CA HIS A 399 0.69 8.93 -19.61
C HIS A 399 0.54 9.36 -18.16
N GLY A 400 1.26 8.68 -17.27
CA GLY A 400 1.21 9.03 -15.85
C GLY A 400 -0.05 8.66 -15.10
N ARG A 401 -0.84 7.74 -15.64
CA ARG A 401 -2.07 7.31 -14.97
C ARG A 401 -2.17 5.78 -14.98
N TYR A 402 -2.72 5.23 -13.90
CA TYR A 402 -2.92 3.80 -13.77
C TYR A 402 -4.13 3.38 -14.59
N LEU A 403 -3.99 2.33 -15.40
CA LEU A 403 -5.13 1.84 -16.16
C LEU A 403 -5.81 0.83 -15.25
N ALA A 404 -7.13 0.78 -15.30
CA ALA A 404 -7.87 -0.15 -14.45
C ALA A 404 -7.63 -1.61 -14.84
N PRO A 405 -7.27 -2.46 -13.86
CA PRO A 405 -7.04 -3.88 -14.12
C PRO A 405 -8.31 -4.52 -14.69
N GLU A 406 -8.13 -5.55 -15.50
CA GLU A 406 -9.26 -6.24 -16.11
C GLU A 406 -9.38 -7.71 -15.71
N VAL A 407 -8.25 -8.38 -15.54
CA VAL A 407 -8.26 -9.79 -15.17
C VAL A 407 -8.76 -10.01 -13.75
N PRO A 408 -9.39 -11.16 -13.48
CA PRO A 408 -9.89 -11.45 -12.14
C PRO A 408 -8.81 -11.48 -11.07
N GLY A 409 -9.14 -11.01 -9.88
CA GLY A 409 -8.16 -11.05 -8.81
C GLY A 409 -7.55 -9.75 -8.32
N PHE A 410 -6.65 -9.93 -7.35
CA PHE A 410 -5.92 -8.88 -6.65
C PHE A 410 -4.59 -8.55 -7.35
N SER A 411 -4.34 -9.18 -8.50
CA SER A 411 -3.10 -8.96 -9.26
C SER A 411 -1.86 -9.38 -8.47
N ALA A 412 -2.04 -10.24 -7.47
CA ALA A 412 -0.94 -10.67 -6.63
C ALA A 412 -0.14 -11.88 -7.14
N GLU A 413 -0.75 -12.68 -8.01
CA GLU A 413 -0.07 -13.87 -8.51
C GLU A 413 1.28 -13.59 -9.17
N MET A 414 2.30 -14.33 -8.75
CA MET A 414 3.65 -14.17 -9.26
C MET A 414 4.06 -15.34 -10.15
N HIS A 415 4.97 -15.08 -11.09
CA HIS A 415 5.45 -16.12 -11.99
C HIS A 415 6.23 -17.18 -11.24
N PRO A 416 5.87 -18.45 -11.42
CA PRO A 416 6.57 -19.55 -10.74
C PRO A 416 8.08 -19.49 -11.00
N ALA A 417 8.45 -19.04 -12.19
CA ALA A 417 9.86 -18.94 -12.54
C ALA A 417 10.58 -17.89 -11.69
N SER A 418 9.87 -16.83 -11.32
CA SER A 418 10.43 -15.77 -10.50
C SER A 418 10.64 -16.30 -9.08
N ILE A 419 9.67 -17.06 -8.60
CA ILE A 419 9.74 -17.64 -7.27
C ILE A 419 10.91 -18.61 -7.19
N ALA A 420 11.10 -19.39 -8.26
CA ALA A 420 12.19 -20.36 -8.30
C ALA A 420 13.55 -19.67 -8.31
N GLU A 421 13.65 -18.56 -9.01
CA GLU A 421 14.92 -17.84 -9.10
C GLU A 421 15.26 -16.99 -7.88
N PHE A 422 14.25 -16.36 -7.28
CA PHE A 422 14.53 -15.50 -6.15
C PHE A 422 14.13 -15.98 -4.74
N SER A 423 13.71 -17.23 -4.62
CA SER A 423 13.38 -17.76 -3.30
C SER A 423 14.67 -17.75 -2.50
N TYR A 424 14.59 -17.35 -1.24
CA TYR A 424 15.76 -17.30 -0.37
C TYR A 424 15.73 -18.42 0.66
N PRO A 425 16.89 -19.09 0.89
CA PRO A 425 18.17 -18.83 0.23
C PRO A 425 18.55 -19.85 -0.84
N ASP A 426 17.65 -20.77 -1.16
CA ASP A 426 17.96 -21.81 -2.13
C ASP A 426 17.61 -21.49 -3.58
N GLY A 427 17.05 -20.31 -3.83
CA GLY A 427 16.71 -19.93 -5.19
C GLY A 427 17.96 -19.76 -6.04
N ARG A 428 17.82 -19.97 -7.34
CA ARG A 428 18.94 -19.86 -8.27
C ARG A 428 19.84 -18.65 -8.05
N PHE A 429 19.24 -17.46 -8.01
CA PHE A 429 20.03 -16.25 -7.81
C PHE A 429 20.79 -16.21 -6.50
N TRP A 430 20.12 -16.56 -5.41
CA TRP A 430 20.76 -16.51 -4.10
C TRP A 430 21.85 -17.56 -3.90
N VAL A 431 21.67 -18.76 -4.44
CA VAL A 431 22.69 -19.77 -4.29
C VAL A 431 23.97 -19.29 -4.98
N GLU A 432 23.81 -18.64 -6.12
CA GLU A 432 24.95 -18.13 -6.87
C GLU A 432 25.53 -16.90 -6.18
N ASP A 433 24.67 -16.03 -5.70
CA ASP A 433 25.11 -14.81 -5.02
C ASP A 433 25.81 -15.10 -3.70
N LEU A 434 25.22 -15.96 -2.88
CA LEU A 434 25.80 -16.32 -1.60
C LEU A 434 27.10 -17.08 -1.76
N ALA A 435 27.35 -17.57 -2.98
CA ALA A 435 28.56 -18.33 -3.27
C ALA A 435 29.70 -17.38 -3.66
#